data_1UX6
#
_entry.id   1UX6
#
_cell.length_a   162.340
_cell.length_b   162.340
_cell.length_c   85.140
_cell.angle_alpha   90.00
_cell.angle_beta   90.00
_cell.angle_gamma   120.00
#
_symmetry.space_group_name_H-M   'H 3 2'
#
loop_
_entity.id
_entity.type
_entity.pdbx_description
1 polymer THROMBOSPONDIN-1
2 non-polymer 'CALCIUM ION'
3 water water
#
_entity_poly.entity_id   1
_entity_poly.type   'polypeptide(L)'
_entity_poly.pdbx_seq_one_letter_code
;APLVHHHHHHALADNCPLEHNPDQLDSDSDRIGDTCDNNQDIDEDGHQNNLDNCPYVPNANQADHDKDGKGDACDHDDDN
DGIPDDKDNCRLVPNPDQKDSDGDGRGDACKDDFDHDSVPDIDDICPENVDISETDFRRFQMIPLDPKGTSQNDPNWVVR
HQGKELVQTVNSDPGLAVGYDEFNAVDFSGTFFINTERDDDYAGFVFGYQSSSRFYVVMWKQVTQSYWDTNPTRAQGYSG
LSVKVVKSTTGPGEHLRNALWHTGNTPGQVRTLWHDPRHIGWKDFTAYRWRLSHRPKTGFIRVVMYEGKKIMADSGPIYD
KTYAGGRLGLFVFSQEMVFFSDLKYECRDP
;
_entity_poly.pdbx_strand_id   A
#
loop_
_chem_comp.id
_chem_comp.type
_chem_comp.name
_chem_comp.formula
CA non-polymer 'CALCIUM ION' 'Ca 2'
#
# COMPACT_ATOMS: atom_id res chain seq x y z
N ALA A 11 -18.98 -1.86 -20.22
CA ALA A 11 -19.41 -0.45 -19.91
C ALA A 11 -18.78 0.00 -18.59
N LEU A 12 -19.10 -0.69 -17.51
CA LEU A 12 -18.54 -0.36 -16.19
C LEU A 12 -17.04 -0.59 -16.22
N ALA A 13 -16.64 -1.80 -16.57
CA ALA A 13 -15.22 -2.14 -16.66
C ALA A 13 -14.69 -1.56 -17.96
N ASP A 14 -14.83 -0.24 -18.08
CA ASP A 14 -14.40 0.47 -19.28
C ASP A 14 -14.34 1.97 -19.00
N ASN A 15 -15.42 2.52 -18.46
CA ASN A 15 -15.49 3.94 -18.17
C ASN A 15 -15.30 4.25 -16.69
N CYS A 16 -15.67 3.31 -15.83
CA CYS A 16 -15.55 3.51 -14.39
C CYS A 16 -14.13 3.72 -13.86
N PRO A 17 -13.18 2.84 -14.24
CA PRO A 17 -11.80 2.96 -13.79
C PRO A 17 -11.11 4.25 -14.22
N LEU A 18 -10.59 5.00 -13.25
CA LEU A 18 -9.90 6.25 -13.56
C LEU A 18 -8.72 6.02 -14.50
N GLU A 19 -8.19 4.79 -14.49
CA GLU A 19 -7.07 4.45 -15.35
C GLU A 19 -7.52 4.33 -16.80
N HIS A 20 -8.82 4.12 -17.01
CA HIS A 20 -9.38 4.02 -18.35
C HIS A 20 -9.87 5.40 -18.80
N ASN A 21 -10.31 6.20 -17.84
CA ASN A 21 -10.80 7.54 -18.11
C ASN A 21 -10.60 8.42 -16.87
N PRO A 22 -9.46 9.13 -16.81
CA PRO A 22 -9.10 10.02 -15.71
C PRO A 22 -9.96 11.27 -15.63
N ASP A 23 -10.73 11.51 -16.68
CA ASP A 23 -11.57 12.70 -16.75
C ASP A 23 -12.91 12.57 -16.04
N GLN A 24 -12.85 12.28 -14.75
CA GLN A 24 -14.06 12.13 -13.95
C GLN A 24 -13.71 12.30 -12.49
N LEU A 25 -14.73 12.49 -11.66
CA LEU A 25 -14.51 12.66 -10.22
C LEU A 25 -14.22 11.32 -9.55
N ASP A 26 -13.47 11.38 -8.45
CA ASP A 26 -13.13 10.21 -7.65
C ASP A 26 -12.86 10.74 -6.25
N SER A 27 -13.96 11.15 -5.60
CA SER A 27 -13.95 11.73 -4.26
C SER A 27 -13.19 10.96 -3.17
N ASP A 28 -13.26 9.63 -3.20
CA ASP A 28 -12.57 8.85 -2.18
C ASP A 28 -11.23 8.28 -2.64
N SER A 29 -10.72 8.80 -3.77
CA SER A 29 -9.43 8.39 -4.29
C SER A 29 -9.18 6.88 -4.31
N ASP A 30 -10.12 6.10 -4.86
CA ASP A 30 -9.93 4.66 -4.93
C ASP A 30 -9.86 4.19 -6.38
N ARG A 31 -9.75 5.16 -7.28
CA ARG A 31 -9.64 4.90 -8.71
C ARG A 31 -10.91 4.48 -9.44
N ILE A 32 -12.05 4.54 -8.73
CA ILE A 32 -13.33 4.21 -9.34
C ILE A 32 -14.16 5.49 -9.39
N GLY A 33 -14.61 5.87 -10.59
CA GLY A 33 -15.39 7.07 -10.75
C GLY A 33 -16.61 7.19 -9.85
N ASP A 34 -16.93 8.41 -9.43
CA ASP A 34 -18.07 8.67 -8.56
C ASP A 34 -19.37 8.06 -9.10
N THR A 35 -19.60 8.17 -10.41
CA THR A 35 -20.83 7.63 -11.00
C THR A 35 -20.99 6.12 -10.87
N CYS A 36 -19.91 5.41 -10.57
CA CYS A 36 -19.96 3.95 -10.42
C CYS A 36 -19.66 3.47 -9.01
N ASP A 37 -19.08 4.33 -8.19
CA ASP A 37 -18.69 3.97 -6.84
C ASP A 37 -19.82 3.70 -5.85
N ASN A 38 -19.86 2.48 -5.30
CA ASN A 38 -20.88 2.12 -4.32
C ASN A 38 -20.28 1.59 -3.01
N ASN A 39 -18.96 1.52 -2.95
CA ASN A 39 -18.25 1.04 -1.75
C ASN A 39 -18.58 -0.35 -1.24
N GLN A 40 -19.31 -1.14 -2.00
CA GLN A 40 -19.66 -2.49 -1.56
C GLN A 40 -18.48 -3.42 -1.85
N ASP A 41 -17.79 -3.86 -0.79
CA ASP A 41 -16.61 -4.71 -0.93
C ASP A 41 -16.61 -5.78 0.15
N ILE A 42 -17.39 -6.85 -0.08
CA ILE A 42 -17.52 -7.90 0.90
C ILE A 42 -16.24 -8.64 1.32
N ASP A 43 -15.28 -8.80 0.41
CA ASP A 43 -14.05 -9.49 0.77
C ASP A 43 -12.93 -8.53 1.16
N GLU A 44 -13.29 -7.24 1.25
CA GLU A 44 -12.40 -6.17 1.65
C GLU A 44 -11.06 -6.12 0.93
N ASP A 45 -11.03 -6.41 -0.37
CA ASP A 45 -9.77 -6.36 -1.08
C ASP A 45 -9.58 -5.08 -1.90
N GLY A 46 -10.46 -4.11 -1.69
CA GLY A 46 -10.35 -2.83 -2.38
C GLY A 46 -11.00 -2.73 -3.73
N HIS A 47 -11.73 -3.77 -4.13
CA HIS A 47 -12.41 -3.77 -5.42
C HIS A 47 -13.87 -4.08 -5.12
N GLN A 48 -14.76 -3.12 -5.37
CA GLN A 48 -16.18 -3.34 -5.08
C GLN A 48 -16.73 -4.55 -5.82
N ASN A 49 -17.69 -5.20 -5.19
CA ASN A 49 -18.32 -6.41 -5.71
C ASN A 49 -18.55 -6.49 -7.22
N ASN A 50 -19.12 -5.45 -7.81
CA ASN A 50 -19.39 -5.48 -9.24
C ASN A 50 -18.20 -5.19 -10.16
N LEU A 51 -17.05 -4.91 -9.56
CA LEU A 51 -15.84 -4.64 -10.34
C LEU A 51 -14.69 -5.44 -9.75
N ASP A 52 -15.00 -6.67 -9.32
CA ASP A 52 -14.04 -7.59 -8.71
C ASP A 52 -14.13 -8.90 -9.49
N ASN A 53 -13.03 -9.35 -10.10
CA ASN A 53 -13.10 -10.61 -10.85
C ASN A 53 -13.16 -11.87 -9.99
N CYS A 54 -13.20 -11.66 -8.67
CA CYS A 54 -13.35 -12.73 -7.67
C CYS A 54 -14.06 -12.05 -6.51
N PRO A 55 -15.35 -11.75 -6.67
CA PRO A 55 -16.20 -11.08 -5.68
C PRO A 55 -16.11 -11.55 -4.23
N TYR A 56 -15.94 -12.85 -4.03
CA TYR A 56 -15.87 -13.38 -2.67
C TYR A 56 -14.49 -13.85 -2.21
N VAL A 57 -13.54 -13.94 -3.14
CA VAL A 57 -12.20 -14.36 -2.78
C VAL A 57 -11.27 -13.14 -2.81
N PRO A 58 -10.64 -12.84 -1.67
CA PRO A 58 -9.73 -11.70 -1.57
C PRO A 58 -8.63 -11.81 -2.61
N ASN A 59 -8.50 -10.79 -3.45
CA ASN A 59 -7.48 -10.79 -4.48
C ASN A 59 -7.28 -9.35 -4.95
N ALA A 60 -6.60 -8.57 -4.12
CA ALA A 60 -6.33 -7.16 -4.37
C ALA A 60 -5.67 -6.79 -5.69
N ASN A 61 -4.76 -7.63 -6.19
CA ASN A 61 -4.11 -7.29 -7.46
C ASN A 61 -4.92 -7.70 -8.68
N GLN A 62 -6.04 -8.37 -8.44
CA GLN A 62 -6.95 -8.78 -9.52
C GLN A 62 -6.29 -9.54 -10.67
N ALA A 63 -5.25 -10.32 -10.37
CA ALA A 63 -4.57 -11.08 -11.40
C ALA A 63 -5.54 -12.00 -12.16
N ASP A 64 -5.49 -11.94 -13.49
CA ASP A 64 -6.34 -12.77 -14.35
C ASP A 64 -5.49 -13.03 -15.59
N HIS A 65 -4.59 -14.00 -15.48
CA HIS A 65 -3.67 -14.29 -16.57
C HIS A 65 -4.22 -14.81 -17.90
N ASP A 66 -5.45 -15.30 -17.91
CA ASP A 66 -6.02 -15.76 -19.18
C ASP A 66 -7.13 -14.81 -19.59
N LYS A 67 -7.28 -13.74 -18.81
CA LYS A 67 -8.29 -12.70 -19.05
C LYS A 67 -9.66 -13.26 -19.38
N ASP A 68 -10.09 -14.29 -18.66
CA ASP A 68 -11.40 -14.86 -18.93
C ASP A 68 -12.48 -14.33 -17.98
N GLY A 69 -12.11 -13.33 -17.16
CA GLY A 69 -13.09 -12.75 -16.25
C GLY A 69 -13.04 -13.30 -14.84
N LYS A 70 -12.41 -14.44 -14.65
CA LYS A 70 -12.29 -15.04 -13.32
C LYS A 70 -10.85 -14.86 -12.86
N GLY A 71 -10.66 -14.07 -11.82
CA GLY A 71 -9.31 -13.86 -11.31
C GLY A 71 -8.63 -15.17 -10.96
N ASP A 72 -7.31 -15.19 -11.03
CA ASP A 72 -6.52 -16.37 -10.70
C ASP A 72 -6.96 -16.98 -9.37
N ALA A 73 -7.29 -16.12 -8.40
CA ALA A 73 -7.69 -16.57 -7.07
C ALA A 73 -8.97 -17.40 -7.03
N CYS A 74 -9.79 -17.30 -8.07
CA CYS A 74 -11.04 -18.04 -8.12
C CYS A 74 -11.19 -18.74 -9.48
N ASP A 75 -10.05 -19.03 -10.10
CA ASP A 75 -9.99 -19.71 -11.39
C ASP A 75 -9.22 -21.01 -11.13
N HIS A 76 -9.73 -22.13 -11.66
CA HIS A 76 -9.06 -23.41 -11.44
C HIS A 76 -8.09 -23.78 -12.55
N ASP A 77 -8.06 -22.96 -13.59
CA ASP A 77 -7.17 -23.14 -14.74
C ASP A 77 -6.82 -21.72 -15.17
N ASP A 78 -5.86 -21.13 -14.46
CA ASP A 78 -5.44 -19.75 -14.70
C ASP A 78 -4.98 -19.39 -16.11
N ASP A 79 -4.58 -20.36 -16.91
CA ASP A 79 -4.13 -20.06 -18.27
C ASP A 79 -5.02 -20.72 -19.34
N ASN A 80 -6.10 -21.35 -18.89
CA ASN A 80 -7.04 -22.02 -19.77
C ASN A 80 -6.45 -23.00 -20.77
N ASP A 81 -5.46 -23.78 -20.35
CA ASP A 81 -4.87 -24.75 -21.27
C ASP A 81 -5.40 -26.16 -21.02
N GLY A 82 -6.45 -26.26 -20.21
CA GLY A 82 -7.05 -27.55 -19.92
C GLY A 82 -6.40 -28.32 -18.77
N ILE A 83 -5.24 -27.87 -18.35
CA ILE A 83 -4.54 -28.53 -17.24
C ILE A 83 -4.78 -27.71 -15.98
N PRO A 84 -5.53 -28.24 -15.01
CA PRO A 84 -5.83 -27.54 -13.76
C PRO A 84 -4.55 -27.04 -13.08
N ASP A 85 -4.65 -25.91 -12.38
CA ASP A 85 -3.51 -25.33 -11.70
C ASP A 85 -2.67 -26.34 -10.92
N ASP A 86 -3.34 -27.15 -10.10
CA ASP A 86 -2.66 -28.13 -9.26
C ASP A 86 -1.82 -29.18 -9.99
N LYS A 87 -1.99 -29.30 -11.30
CA LYS A 87 -1.25 -30.31 -12.05
C LYS A 87 -0.51 -29.70 -13.24
N ASP A 88 -0.59 -28.38 -13.35
CA ASP A 88 0.03 -27.66 -14.46
C ASP A 88 1.45 -27.21 -14.09
N ASN A 89 2.46 -27.71 -14.80
CA ASN A 89 3.84 -27.33 -14.49
C ASN A 89 4.23 -25.95 -15.01
N CYS A 90 3.26 -25.27 -15.62
CA CYS A 90 3.40 -23.88 -16.10
C CYS A 90 2.01 -23.29 -15.88
N ARG A 91 1.72 -22.99 -14.62
CA ARG A 91 0.41 -22.47 -14.23
C ARG A 91 -0.12 -21.27 -15.01
N LEU A 92 0.77 -20.38 -15.41
CA LEU A 92 0.37 -19.16 -16.11
C LEU A 92 0.64 -19.14 -17.60
N VAL A 93 1.29 -20.17 -18.12
CA VAL A 93 1.59 -20.20 -19.55
C VAL A 93 0.97 -21.44 -20.19
N PRO A 94 0.10 -21.24 -21.19
CA PRO A 94 -0.53 -22.39 -21.86
C PRO A 94 0.51 -23.37 -22.37
N ASN A 95 0.35 -24.63 -22.00
CA ASN A 95 1.28 -25.66 -22.46
C ASN A 95 0.67 -27.04 -22.25
N PRO A 96 -0.30 -27.40 -23.10
CA PRO A 96 -1.00 -28.70 -23.05
C PRO A 96 -0.12 -29.93 -22.95
N ASP A 97 1.01 -29.95 -23.66
CA ASP A 97 1.89 -31.12 -23.62
C ASP A 97 2.70 -31.26 -22.33
N GLN A 98 2.65 -30.24 -21.48
CA GLN A 98 3.38 -30.25 -20.21
C GLN A 98 4.85 -30.64 -20.36
N LYS A 99 5.44 -30.35 -21.51
CA LYS A 99 6.83 -30.70 -21.77
C LYS A 99 7.74 -30.17 -20.64
N ASP A 100 8.59 -31.05 -20.11
CA ASP A 100 9.52 -30.70 -19.04
C ASP A 100 10.77 -31.52 -19.33
N SER A 101 11.60 -30.98 -20.23
CA SER A 101 12.80 -31.67 -20.68
C SER A 101 13.88 -32.04 -19.67
N ASP A 102 13.86 -31.46 -18.48
CA ASP A 102 14.86 -31.83 -17.47
C ASP A 102 14.18 -32.41 -16.22
N GLY A 103 12.87 -32.61 -16.32
CA GLY A 103 12.10 -33.20 -15.23
C GLY A 103 12.17 -32.59 -13.85
N ASP A 104 12.24 -31.27 -13.76
CA ASP A 104 12.32 -30.62 -12.45
C ASP A 104 10.97 -30.08 -11.96
N GLY A 105 9.90 -30.35 -12.72
CA GLY A 105 8.58 -29.88 -12.32
C GLY A 105 8.19 -28.53 -12.88
N ARG A 106 9.06 -27.96 -13.72
CA ARG A 106 8.77 -26.67 -14.34
C ARG A 106 8.79 -26.88 -15.85
N GLY A 107 7.67 -26.60 -16.51
CA GLY A 107 7.59 -26.82 -17.95
C GLY A 107 8.56 -25.99 -18.77
N ASP A 108 8.93 -26.50 -19.95
CA ASP A 108 9.85 -25.81 -20.85
C ASP A 108 9.24 -24.46 -21.26
N ALA A 109 7.93 -24.45 -21.44
CA ALA A 109 7.20 -23.27 -21.87
C ALA A 109 7.37 -22.04 -20.97
N CYS A 110 7.64 -22.27 -19.69
CA CYS A 110 7.78 -21.17 -18.75
C CYS A 110 9.03 -21.26 -17.87
N LYS A 111 10.01 -22.06 -18.27
CA LYS A 111 11.22 -22.25 -17.46
C LYS A 111 12.02 -21.03 -17.03
N ASP A 112 12.02 -19.96 -17.82
CA ASP A 112 12.78 -18.76 -17.48
C ASP A 112 11.92 -17.56 -17.08
N ASP A 113 10.68 -17.55 -17.53
CA ASP A 113 9.77 -16.42 -17.30
C ASP A 113 8.39 -16.98 -17.01
N PHE A 114 8.16 -17.33 -15.74
CA PHE A 114 6.90 -17.93 -15.29
C PHE A 114 5.60 -17.24 -15.70
N ASP A 115 5.59 -15.91 -15.70
CA ASP A 115 4.38 -15.18 -16.05
C ASP A 115 4.38 -14.58 -17.46
N HIS A 116 5.44 -14.87 -18.20
CA HIS A 116 5.61 -14.39 -19.56
C HIS A 116 5.43 -12.90 -19.80
N ASP A 117 6.03 -12.08 -18.95
CA ASP A 117 5.96 -10.63 -19.15
C ASP A 117 7.29 -10.19 -19.72
N SER A 118 8.05 -11.17 -20.23
CA SER A 118 9.35 -10.96 -20.84
C SER A 118 10.45 -10.51 -19.91
N VAL A 119 10.23 -10.62 -18.60
CA VAL A 119 11.26 -10.29 -17.64
C VAL A 119 11.50 -11.57 -16.85
N PRO A 120 12.68 -12.20 -17.03
CA PRO A 120 13.05 -13.44 -16.34
C PRO A 120 12.75 -13.43 -14.85
N ASP A 121 12.40 -14.60 -14.31
CA ASP A 121 12.06 -14.76 -12.90
C ASP A 121 13.00 -14.06 -11.92
N ILE A 122 14.30 -14.28 -12.08
CA ILE A 122 15.29 -13.69 -11.18
C ILE A 122 15.26 -12.17 -11.11
N ASP A 123 15.02 -11.50 -12.24
CA ASP A 123 14.98 -10.04 -12.25
C ASP A 123 13.56 -9.47 -12.14
N ASP A 124 12.57 -10.33 -12.24
CA ASP A 124 11.16 -9.94 -12.16
C ASP A 124 10.80 -9.77 -10.68
N ILE A 125 10.43 -8.55 -10.28
CA ILE A 125 10.07 -8.31 -8.87
C ILE A 125 8.77 -9.00 -8.47
N CYS A 126 7.95 -9.34 -9.46
CA CYS A 126 6.68 -10.02 -9.23
C CYS A 126 6.64 -11.12 -10.30
N PRO A 127 7.36 -12.22 -10.06
CA PRO A 127 7.53 -13.41 -10.91
C PRO A 127 6.25 -14.11 -11.35
N GLU A 128 5.19 -13.99 -10.55
CA GLU A 128 3.94 -14.64 -10.89
C GLU A 128 2.84 -13.61 -11.11
N ASN A 129 3.20 -12.52 -11.77
CA ASN A 129 2.27 -11.43 -12.07
C ASN A 129 2.75 -10.71 -13.33
N VAL A 130 2.08 -10.98 -14.44
CA VAL A 130 2.43 -10.40 -15.72
C VAL A 130 2.26 -8.87 -15.77
N ASP A 131 1.50 -8.32 -14.82
CA ASP A 131 1.26 -6.87 -14.79
C ASP A 131 2.38 -6.07 -14.13
N ILE A 132 3.25 -6.75 -13.38
CA ILE A 132 4.37 -6.05 -12.72
C ILE A 132 5.70 -6.76 -12.96
N SER A 133 6.71 -6.03 -13.43
CA SER A 133 8.02 -6.63 -13.67
C SER A 133 9.14 -5.77 -13.12
N GLU A 134 8.85 -4.49 -12.89
CA GLU A 134 9.83 -3.56 -12.35
C GLU A 134 9.13 -2.46 -11.56
N THR A 135 9.89 -1.73 -10.75
CA THR A 135 9.32 -0.64 -9.96
C THR A 135 8.98 0.52 -10.88
N ASP A 136 7.92 1.24 -10.55
CA ASP A 136 7.51 2.38 -11.35
C ASP A 136 7.09 3.55 -10.46
N PHE A 137 7.79 3.72 -9.34
CA PHE A 137 7.48 4.81 -8.42
C PHE A 137 7.90 6.16 -9.00
N ARG A 138 7.57 6.35 -10.26
CA ARG A 138 7.86 7.57 -11.00
C ARG A 138 6.50 8.16 -11.28
N ARG A 139 5.48 7.52 -10.72
CA ARG A 139 4.11 7.91 -10.90
C ARG A 139 3.43 7.96 -9.52
N PHE A 140 3.05 9.14 -9.06
CA PHE A 140 2.42 9.28 -7.76
C PHE A 140 1.07 10.00 -7.80
N GLN A 141 0.14 9.54 -6.97
CA GLN A 141 -1.16 10.18 -6.86
C GLN A 141 -1.13 10.88 -5.50
N MET A 142 -1.13 12.21 -5.52
CA MET A 142 -1.08 12.98 -4.29
C MET A 142 -2.47 13.12 -3.70
N ILE A 143 -2.62 12.70 -2.45
CA ILE A 143 -3.91 12.75 -1.79
C ILE A 143 -3.88 13.50 -0.47
N PRO A 144 -4.55 14.67 -0.41
CA PRO A 144 -4.58 15.46 0.82
C PRO A 144 -5.52 14.79 1.81
N LEU A 145 -5.04 14.54 3.02
CA LEU A 145 -5.86 13.87 4.02
C LEU A 145 -6.84 14.78 4.79
N ASP A 146 -6.68 16.09 4.61
CA ASP A 146 -7.62 17.04 5.22
C ASP A 146 -7.79 18.24 4.30
N PRO A 147 -8.61 18.10 3.25
CA PRO A 147 -8.90 19.14 2.27
C PRO A 147 -10.03 20.05 2.75
N LYS A 148 -10.42 19.87 4.01
CA LYS A 148 -11.50 20.64 4.63
C LYS A 148 -10.91 21.68 5.57
N GLY A 149 -10.26 21.20 6.63
CA GLY A 149 -9.65 22.08 7.59
C GLY A 149 -8.44 22.81 7.02
N THR A 150 -8.08 23.92 7.62
CA THR A 150 -6.94 24.70 7.16
C THR A 150 -6.02 25.08 8.31
N SER A 151 -5.88 24.17 9.27
CA SER A 151 -5.03 24.40 10.43
C SER A 151 -3.63 24.73 9.92
N GLN A 152 -3.23 24.01 8.88
CA GLN A 152 -1.93 24.22 8.25
C GLN A 152 -2.07 24.03 6.75
N ASN A 153 -1.16 24.63 5.99
CA ASN A 153 -1.21 24.53 4.54
C ASN A 153 -1.09 23.07 4.12
N ASP A 154 -1.74 22.71 3.01
CA ASP A 154 -1.69 21.35 2.53
C ASP A 154 -0.31 20.99 1.98
N PRO A 155 -0.02 19.70 1.85
CA PRO A 155 1.27 19.23 1.34
C PRO A 155 1.67 19.79 -0.01
N ASN A 156 2.98 19.99 -0.17
CA ASN A 156 3.56 20.46 -1.43
C ASN A 156 4.70 19.53 -1.77
N TRP A 157 4.59 18.83 -2.88
CA TRP A 157 5.62 17.88 -3.29
C TRP A 157 6.44 18.37 -4.48
N VAL A 158 7.73 18.05 -4.46
CA VAL A 158 8.65 18.44 -5.54
C VAL A 158 9.73 17.37 -5.71
N VAL A 159 10.58 17.53 -6.71
CA VAL A 159 11.67 16.59 -6.98
C VAL A 159 13.02 17.29 -7.05
N GLU A 165 14.78 11.72 -5.48
CA GLU A 165 14.47 12.44 -4.25
C GLU A 165 13.11 13.14 -4.31
N LEU A 166 12.09 12.52 -3.73
CA LEU A 166 10.75 13.10 -3.69
C LEU A 166 10.67 13.84 -2.35
N VAL A 167 10.45 15.15 -2.42
CA VAL A 167 10.41 15.97 -1.21
C VAL A 167 9.08 16.65 -0.91
N GLN A 168 8.73 16.69 0.37
CA GLN A 168 7.51 17.35 0.83
C GLN A 168 8.09 18.54 1.58
N THR A 169 7.81 19.74 1.11
CA THR A 169 8.39 20.96 1.69
C THR A 169 7.63 21.76 2.74
N VAL A 170 6.38 21.41 3.02
CA VAL A 170 5.60 22.19 3.98
C VAL A 170 5.28 21.59 5.35
N ASN A 171 5.18 22.46 6.35
CA ASN A 171 4.79 22.07 7.71
C ASN A 171 3.28 22.03 7.48
N SER A 172 2.88 20.99 6.77
CA SER A 172 1.51 20.80 6.32
C SER A 172 0.52 19.91 7.06
N ASP A 173 -0.70 19.91 6.52
CA ASP A 173 -1.79 19.08 7.00
C ASP A 173 -1.37 17.70 6.49
N PRO A 174 -2.00 16.62 6.98
CA PRO A 174 -1.62 15.28 6.53
C PRO A 174 -1.85 15.04 5.05
N GLY A 175 -1.05 14.17 4.46
CA GLY A 175 -1.19 13.86 3.05
C GLY A 175 -0.47 12.60 2.61
N LEU A 176 -0.85 12.09 1.43
CA LEU A 176 -0.24 10.89 0.89
C LEU A 176 0.26 11.07 -0.53
N ALA A 177 1.17 10.19 -0.92
CA ALA A 177 1.72 10.12 -2.26
C ALA A 177 1.68 8.61 -2.48
N VAL A 178 0.69 8.14 -3.23
CA VAL A 178 0.53 6.70 -3.43
C VAL A 178 0.87 6.20 -4.84
N GLY A 179 1.50 5.02 -4.88
CA GLY A 179 1.89 4.41 -6.13
C GLY A 179 0.74 3.83 -6.93
N TYR A 180 1.05 3.33 -8.12
CA TYR A 180 0.07 2.77 -9.04
C TYR A 180 -0.21 1.27 -8.90
N ASP A 181 0.82 0.48 -8.61
CA ASP A 181 0.65 -0.97 -8.50
C ASP A 181 -0.16 -1.43 -7.29
N GLU A 182 -0.86 -2.55 -7.47
CA GLU A 182 -1.67 -3.14 -6.42
C GLU A 182 -1.04 -4.46 -6.00
N PHE A 183 -1.09 -4.75 -4.70
CA PHE A 183 -0.48 -5.97 -4.19
C PHE A 183 -1.34 -6.80 -3.25
N ASN A 184 -1.02 -8.08 -3.20
CA ASN A 184 -1.63 -9.03 -2.28
C ASN A 184 -0.52 -9.09 -1.22
N ALA A 185 0.33 -10.13 -1.26
CA ALA A 185 1.44 -10.22 -0.32
C ALA A 185 2.56 -9.36 -0.90
N VAL A 186 3.26 -8.62 -0.06
CA VAL A 186 4.32 -7.74 -0.55
C VAL A 186 5.37 -7.34 0.47
N ASP A 187 6.57 -7.04 -0.01
CA ASP A 187 7.68 -6.56 0.82
C ASP A 187 7.94 -5.17 0.27
N PHE A 188 7.94 -4.18 1.15
CA PHE A 188 8.12 -2.79 0.74
C PHE A 188 9.23 -2.15 1.57
N SER A 189 10.17 -1.49 0.88
CA SER A 189 11.28 -0.84 1.55
C SER A 189 11.52 0.56 0.96
N GLY A 190 12.06 1.44 1.77
CA GLY A 190 12.31 2.79 1.30
C GLY A 190 13.18 3.56 2.26
N THR A 191 13.53 4.79 1.87
CA THR A 191 14.38 5.64 2.69
C THR A 191 13.76 7.03 2.84
N PHE A 192 13.80 7.57 4.05
CA PHE A 192 13.29 8.92 4.29
C PHE A 192 14.38 9.66 5.05
N PHE A 193 14.47 10.96 4.81
CA PHE A 193 15.50 11.81 5.42
C PHE A 193 14.86 13.17 5.75
N ILE A 194 15.00 13.62 6.99
CA ILE A 194 14.45 14.92 7.39
C ILE A 194 15.60 15.92 7.26
N ASN A 195 15.61 16.65 6.16
CA ASN A 195 16.67 17.61 5.88
C ASN A 195 16.53 18.95 6.60
N THR A 196 16.40 18.90 7.92
CA THR A 196 16.28 20.11 8.73
C THR A 196 16.11 19.71 10.19
N GLU A 197 16.49 20.60 11.09
CA GLU A 197 16.33 20.30 12.51
C GLU A 197 15.02 20.89 13.00
N ARG A 198 14.37 21.67 12.14
CA ARG A 198 13.11 22.30 12.47
C ARG A 198 11.97 21.29 12.59
N ASP A 199 11.15 21.48 13.62
CA ASP A 199 9.99 20.64 13.90
C ASP A 199 10.36 19.22 14.35
N ASP A 200 9.34 18.51 14.82
CA ASP A 200 9.52 17.16 15.35
C ASP A 200 8.28 16.31 15.09
N ASP A 201 7.74 16.37 13.88
CA ASP A 201 6.53 15.61 13.63
C ASP A 201 6.61 14.32 12.82
N TYR A 202 5.62 14.08 11.95
CA TYR A 202 5.53 12.81 11.22
C TYR A 202 6.00 12.59 9.79
N ALA A 203 6.57 11.41 9.58
CA ALA A 203 7.04 10.94 8.29
C ALA A 203 6.73 9.44 8.32
N GLY A 204 6.36 8.87 7.18
CA GLY A 204 6.06 7.45 7.17
C GLY A 204 5.65 6.95 5.81
N PHE A 205 4.86 5.87 5.79
CA PHE A 205 4.40 5.29 4.54
C PHE A 205 3.11 4.52 4.75
N VAL A 206 2.47 4.12 3.65
CA VAL A 206 1.22 3.38 3.73
C VAL A 206 1.30 2.15 2.85
N PHE A 207 0.44 1.18 3.12
CA PHE A 207 0.37 -0.04 2.33
C PHE A 207 -1.05 -0.54 2.50
N GLY A 208 -1.49 -1.44 1.64
CA GLY A 208 -2.86 -1.91 1.75
C GLY A 208 -3.80 -0.73 1.52
N TYR A 209 -3.33 0.27 0.76
CA TYR A 209 -4.15 1.44 0.47
C TYR A 209 -5.26 1.07 -0.51
N GLN A 210 -6.49 1.42 -0.16
CA GLN A 210 -7.63 1.12 -1.02
C GLN A 210 -8.42 2.38 -1.37
N SER A 211 -8.59 3.27 -0.41
CA SER A 211 -9.30 4.53 -0.60
C SER A 211 -8.75 5.51 0.43
N SER A 212 -9.18 6.78 0.37
CA SER A 212 -8.68 7.76 1.33
C SER A 212 -9.28 7.54 2.73
N SER A 213 -10.11 6.52 2.85
CA SER A 213 -10.74 6.16 4.13
C SER A 213 -10.31 4.74 4.51
N ARG A 214 -9.53 4.09 3.65
CA ARG A 214 -9.10 2.72 3.90
C ARG A 214 -7.64 2.44 3.57
N PHE A 215 -6.81 2.31 4.59
CA PHE A 215 -5.40 2.01 4.39
C PHE A 215 -4.66 1.82 5.70
N TYR A 216 -3.48 1.18 5.63
CA TYR A 216 -2.64 0.98 6.82
C TYR A 216 -1.60 2.09 6.74
N VAL A 217 -1.17 2.60 7.88
CA VAL A 217 -0.16 3.64 7.87
C VAL A 217 0.88 3.43 8.95
N VAL A 218 2.12 3.65 8.59
CA VAL A 218 3.24 3.54 9.52
C VAL A 218 3.81 4.94 9.60
N MET A 219 3.85 5.51 10.80
CA MET A 219 4.38 6.86 10.96
C MET A 219 5.35 6.94 12.13
N TRP A 220 6.24 7.94 12.07
CA TRP A 220 7.26 8.11 13.10
C TRP A 220 7.34 9.57 13.50
N LYS A 221 7.19 9.86 14.79
CA LYS A 221 7.25 11.23 15.29
C LYS A 221 8.53 11.42 16.09
N GLN A 222 9.12 12.62 16.03
CA GLN A 222 10.36 12.88 16.76
C GLN A 222 10.18 13.17 18.24
N VAL A 223 9.23 14.03 18.58
CA VAL A 223 8.97 14.37 19.98
C VAL A 223 7.48 14.35 20.28
N THR A 224 7.13 13.86 21.47
CA THR A 224 5.74 13.78 21.89
C THR A 224 5.13 15.17 21.90
N GLN A 225 3.91 15.29 21.39
CA GLN A 225 3.21 16.56 21.33
C GLN A 225 1.72 16.38 21.06
N SER A 226 0.89 17.12 21.79
CA SER A 226 -0.54 17.05 21.63
C SER A 226 -0.92 17.95 20.46
N TYR A 227 -1.89 17.53 19.66
CA TYR A 227 -2.30 18.34 18.53
C TYR A 227 -2.93 19.61 19.10
N TRP A 228 -2.46 20.76 18.62
CA TRP A 228 -2.91 22.07 19.08
C TRP A 228 -4.40 22.37 18.97
N ASP A 229 -5.10 21.67 18.08
CA ASP A 229 -6.53 21.88 17.91
C ASP A 229 -7.28 20.71 18.55
N THR A 230 -7.86 20.94 19.73
CA THR A 230 -8.59 19.91 20.47
C THR A 230 -9.83 19.43 19.73
N ASN A 231 -10.22 20.14 18.69
CA ASN A 231 -11.38 19.77 17.90
C ASN A 231 -10.91 19.07 16.62
N PRO A 232 -11.62 18.03 16.18
CA PRO A 232 -12.85 17.43 16.72
C PRO A 232 -12.59 16.59 17.98
N THR A 233 -11.39 16.05 18.09
CA THR A 233 -11.04 15.20 19.22
C THR A 233 -9.62 15.43 19.73
N ARG A 234 -9.43 15.24 21.03
CA ARG A 234 -8.12 15.41 21.62
C ARG A 234 -7.20 14.36 21.05
N ALA A 235 -6.02 14.78 20.62
CA ALA A 235 -5.06 13.86 20.05
C ALA A 235 -3.67 14.10 20.60
N GLN A 236 -3.06 13.04 21.14
CA GLN A 236 -1.71 13.18 21.66
C GLN A 236 -0.81 12.19 20.92
N GLY A 237 0.16 12.76 20.20
CA GLY A 237 1.09 11.94 19.43
C GLY A 237 2.41 11.77 20.15
N TYR A 238 2.71 10.53 20.53
CA TYR A 238 3.96 10.25 21.22
C TYR A 238 5.08 10.03 20.24
N SER A 239 6.30 10.37 20.66
CA SER A 239 7.46 10.15 19.80
C SER A 239 7.56 8.64 19.62
N GLY A 240 8.12 8.21 18.49
CA GLY A 240 8.25 6.78 18.23
C GLY A 240 7.51 6.29 17.01
N LEU A 241 7.83 5.07 16.58
CA LEU A 241 7.23 4.44 15.42
C LEU A 241 5.86 3.85 15.80
N SER A 242 4.88 4.04 14.93
CA SER A 242 3.53 3.53 15.18
C SER A 242 2.96 2.86 13.95
N VAL A 243 2.13 1.84 14.16
CA VAL A 243 1.48 1.15 13.06
C VAL A 243 -0.02 1.32 13.29
N LYS A 244 -0.72 1.90 12.33
CA LYS A 244 -2.14 2.13 12.48
C LYS A 244 -2.96 1.67 11.29
N VAL A 245 -4.25 1.43 11.53
CA VAL A 245 -5.14 1.04 10.45
C VAL A 245 -6.22 2.10 10.40
N VAL A 246 -6.45 2.63 9.20
CA VAL A 246 -7.45 3.67 9.01
C VAL A 246 -8.70 3.10 8.37
N LYS A 247 -9.83 3.37 9.00
CA LYS A 247 -11.14 2.95 8.50
C LYS A 247 -12.05 4.10 8.93
N SER A 248 -11.97 5.19 8.17
CA SER A 248 -12.72 6.39 8.44
C SER A 248 -14.17 6.35 7.99
N THR A 249 -15.06 6.85 8.84
CA THR A 249 -16.48 6.91 8.51
C THR A 249 -16.78 8.25 7.84
N THR A 250 -15.79 9.14 7.85
CA THR A 250 -15.94 10.47 7.26
C THR A 250 -15.02 10.76 6.07
N GLY A 251 -13.89 10.07 5.99
CA GLY A 251 -12.96 10.31 4.90
C GLY A 251 -12.10 11.53 5.20
N PRO A 252 -11.27 11.99 4.25
CA PRO A 252 -10.41 13.16 4.50
C PRO A 252 -11.17 14.31 5.16
N GLY A 253 -10.55 14.89 6.18
CA GLY A 253 -11.17 15.98 6.91
C GLY A 253 -10.54 16.16 8.28
N GLU A 254 -11.14 17.03 9.10
CA GLU A 254 -10.61 17.31 10.42
C GLU A 254 -10.65 16.10 11.35
N HIS A 255 -11.70 15.29 11.22
CA HIS A 255 -11.82 14.11 12.07
C HIS A 255 -10.70 13.12 11.81
N LEU A 256 -10.44 12.83 10.54
CA LEU A 256 -9.36 11.91 10.21
C LEU A 256 -8.02 12.54 10.62
N ARG A 257 -7.90 13.84 10.44
CA ARG A 257 -6.69 14.58 10.78
C ARG A 257 -6.21 14.32 12.20
N ASN A 258 -7.04 14.65 13.17
CA ASN A 258 -6.70 14.43 14.57
C ASN A 258 -6.46 12.96 14.89
N ALA A 259 -7.27 12.09 14.29
CA ALA A 259 -7.15 10.64 14.53
C ALA A 259 -5.79 10.10 14.10
N LEU A 260 -5.28 10.59 12.98
CA LEU A 260 -3.99 10.17 12.46
C LEU A 260 -2.87 10.58 13.40
N TRP A 261 -3.05 11.73 14.05
CA TRP A 261 -2.05 12.25 14.97
C TRP A 261 -2.02 11.50 16.30
N HIS A 262 -3.19 11.12 16.78
CA HIS A 262 -3.32 10.41 18.05
C HIS A 262 -2.69 9.03 18.13
N THR A 263 -1.84 8.83 19.13
CA THR A 263 -1.21 7.53 19.35
C THR A 263 -2.20 6.70 20.15
N GLY A 264 -3.09 6.02 19.43
CA GLY A 264 -4.10 5.21 20.09
C GLY A 264 -5.28 5.08 19.15
N ASN A 265 -6.48 4.90 19.72
CA ASN A 265 -7.68 4.76 18.91
C ASN A 265 -8.58 5.99 18.96
N THR A 266 -9.18 6.29 17.82
CA THR A 266 -10.12 7.41 17.68
C THR A 266 -11.37 6.79 17.04
N PRO A 267 -12.49 6.75 17.78
CA PRO A 267 -13.76 6.19 17.31
C PRO A 267 -14.12 6.53 15.87
N GLY A 268 -14.46 5.49 15.10
CA GLY A 268 -14.82 5.67 13.70
C GLY A 268 -13.75 6.23 12.79
N GLN A 269 -12.50 6.21 13.22
CA GLN A 269 -11.43 6.75 12.39
C GLN A 269 -10.17 5.90 12.30
N VAL A 270 -9.46 5.82 13.42
CA VAL A 270 -8.19 5.09 13.47
C VAL A 270 -8.04 4.16 14.66
N ARG A 271 -7.24 3.13 14.45
CA ARG A 271 -6.93 2.14 15.46
C ARG A 271 -5.41 2.01 15.39
N THR A 272 -4.72 2.15 16.53
CA THR A 272 -3.26 2.01 16.54
C THR A 272 -2.96 0.57 16.94
N LEU A 273 -2.38 -0.19 16.01
CA LEU A 273 -2.04 -1.59 16.23
C LEU A 273 -0.81 -1.82 17.09
N TRP A 274 0.15 -0.90 17.01
CA TRP A 274 1.39 -1.03 17.76
C TRP A 274 2.11 0.32 17.83
N HIS A 275 2.83 0.55 18.91
CA HIS A 275 3.59 1.77 19.10
C HIS A 275 4.82 1.39 19.91
N ASP A 276 5.99 1.88 19.50
CA ASP A 276 7.24 1.59 20.19
C ASP A 276 7.16 2.01 21.66
N PRO A 277 7.21 1.05 22.59
CA PRO A 277 7.14 1.28 24.04
C PRO A 277 8.25 2.20 24.55
N ARG A 278 9.33 2.30 23.79
CA ARG A 278 10.46 3.15 24.18
C ARG A 278 10.29 4.58 23.68
N HIS A 279 9.32 4.79 22.80
CA HIS A 279 9.05 6.12 22.24
C HIS A 279 10.27 6.79 21.63
N ILE A 280 11.10 6.04 20.92
CA ILE A 280 12.30 6.60 20.31
C ILE A 280 11.99 7.36 19.02
N GLY A 281 12.24 8.67 19.03
CA GLY A 281 11.96 9.48 17.84
C GLY A 281 13.10 9.45 16.84
N TRP A 282 12.82 9.88 15.61
CA TRP A 282 13.85 9.92 14.58
C TRP A 282 14.80 11.10 14.81
N LYS A 283 15.99 11.03 14.23
CA LYS A 283 16.97 12.10 14.39
C LYS A 283 17.03 12.98 13.15
N ASP A 284 17.29 14.27 13.36
CA ASP A 284 17.39 15.21 12.25
C ASP A 284 18.52 14.74 11.34
N PHE A 285 18.47 15.17 10.08
CA PHE A 285 19.51 14.84 9.10
C PHE A 285 20.05 13.41 9.18
N THR A 286 19.15 12.43 9.21
CA THR A 286 19.58 11.05 9.29
C THR A 286 18.79 10.18 8.32
N ALA A 287 19.49 9.37 7.55
CA ALA A 287 18.86 8.49 6.57
C ALA A 287 18.32 7.23 7.25
N TYR A 288 17.02 6.99 7.10
CA TYR A 288 16.39 5.82 7.68
C TYR A 288 15.82 4.92 6.60
N ARG A 289 16.05 3.62 6.74
CA ARG A 289 15.56 2.65 5.77
C ARG A 289 14.46 1.85 6.45
N TRP A 290 13.32 1.71 5.77
CA TRP A 290 12.25 0.91 6.36
C TRP A 290 12.08 -0.35 5.55
N ARG A 291 11.67 -1.42 6.23
CA ARG A 291 11.42 -2.68 5.57
C ARG A 291 10.08 -3.17 6.12
N LEU A 292 9.13 -3.34 5.21
CA LEU A 292 7.78 -3.77 5.56
C LEU A 292 7.39 -5.07 4.87
N SER A 293 6.73 -5.95 5.61
CA SER A 293 6.23 -7.20 5.06
C SER A 293 4.76 -7.30 5.42
N HIS A 294 3.94 -7.58 4.42
CA HIS A 294 2.50 -7.73 4.62
C HIS A 294 2.04 -9.02 3.96
N ARG A 295 1.36 -9.87 4.72
CA ARG A 295 0.85 -11.12 4.19
C ARG A 295 -0.65 -11.15 4.49
N PRO A 296 -1.47 -10.67 3.55
CA PRO A 296 -2.94 -10.58 3.65
C PRO A 296 -3.65 -11.88 4.04
N LYS A 297 -3.15 -13.00 3.54
CA LYS A 297 -3.76 -14.30 3.84
C LYS A 297 -3.86 -14.58 5.35
N THR A 298 -2.80 -14.23 6.07
CA THR A 298 -2.75 -14.46 7.52
C THR A 298 -2.91 -13.20 8.34
N GLY A 299 -2.81 -12.05 7.68
CA GLY A 299 -2.93 -10.78 8.38
C GLY A 299 -1.60 -10.33 8.96
N PHE A 300 -0.52 -11.03 8.58
CA PHE A 300 0.81 -10.69 9.09
C PHE A 300 1.29 -9.32 8.63
N ILE A 301 1.85 -8.57 9.58
CA ILE A 301 2.39 -7.24 9.34
C ILE A 301 3.59 -7.04 10.24
N ARG A 302 4.66 -6.46 9.69
CA ARG A 302 5.85 -6.18 10.47
C ARG A 302 6.67 -5.11 9.76
N VAL A 303 7.16 -4.15 10.53
CA VAL A 303 7.99 -3.09 9.97
C VAL A 303 9.23 -2.95 10.84
N VAL A 304 10.37 -2.77 10.19
CA VAL A 304 11.63 -2.58 10.90
C VAL A 304 12.27 -1.32 10.32
N MET A 305 12.75 -0.44 11.21
CA MET A 305 13.41 0.79 10.78
C MET A 305 14.90 0.66 10.98
N TYR A 306 15.68 1.11 9.99
CA TYR A 306 17.13 1.02 10.09
C TYR A 306 17.82 2.36 9.92
N GLU A 307 18.92 2.53 10.65
CA GLU A 307 19.74 3.72 10.54
C GLU A 307 21.04 3.07 10.06
N GLY A 308 21.25 3.08 8.75
CA GLY A 308 22.42 2.43 8.21
C GLY A 308 22.19 0.92 8.34
N LYS A 309 23.10 0.23 9.00
CA LYS A 309 22.95 -1.21 9.19
C LYS A 309 22.50 -1.50 10.62
N LYS A 310 22.10 -0.45 11.32
CA LYS A 310 21.64 -0.58 12.69
C LYS A 310 20.11 -0.57 12.78
N ILE A 311 19.57 -1.46 13.59
CA ILE A 311 18.13 -1.56 13.78
C ILE A 311 17.68 -0.55 14.83
N MET A 312 16.82 0.37 14.43
CA MET A 312 16.31 1.42 15.32
C MET A 312 14.96 1.05 15.94
N ALA A 313 14.10 0.39 15.17
CA ALA A 313 12.79 0.00 15.65
C ALA A 313 12.29 -1.24 14.93
N ASP A 314 11.58 -2.08 15.66
CA ASP A 314 11.04 -3.32 15.13
C ASP A 314 9.66 -3.52 15.75
N SER A 315 8.63 -3.58 14.93
CA SER A 315 7.26 -3.74 15.42
C SER A 315 7.01 -5.16 15.91
N GLY A 316 7.80 -6.10 15.42
CA GLY A 316 7.59 -7.49 15.79
C GLY A 316 6.40 -7.96 14.96
N PRO A 317 5.93 -9.20 15.15
CA PRO A 317 4.79 -9.68 14.37
C PRO A 317 3.49 -8.99 14.77
N ILE A 318 2.79 -8.45 13.79
CA ILE A 318 1.50 -7.80 14.04
C ILE A 318 0.49 -8.51 13.15
N TYR A 319 -0.70 -8.79 13.67
CA TYR A 319 -1.72 -9.45 12.87
C TYR A 319 -3.01 -8.68 12.83
N ASP A 320 -3.46 -8.37 11.61
CA ASP A 320 -4.69 -7.64 11.39
C ASP A 320 -5.13 -7.92 9.97
N LYS A 321 -6.41 -8.25 9.81
CA LYS A 321 -6.98 -8.56 8.51
C LYS A 321 -8.03 -7.58 8.04
N THR A 322 -7.93 -6.31 8.45
CA THR A 322 -8.91 -5.33 8.02
C THR A 322 -8.90 -5.17 6.50
N TYR A 323 -7.72 -5.09 5.90
CA TYR A 323 -7.59 -4.94 4.46
C TYR A 323 -6.76 -6.06 3.84
N ALA A 324 -7.28 -6.65 2.76
CA ALA A 324 -6.63 -7.76 2.08
C ALA A 324 -5.55 -7.41 1.05
N GLY A 325 -5.12 -6.16 1.03
CA GLY A 325 -4.11 -5.76 0.09
C GLY A 325 -4.41 -4.38 -0.47
N GLY A 326 -3.61 -3.95 -1.43
CA GLY A 326 -3.82 -2.64 -2.02
C GLY A 326 -2.54 -2.00 -2.49
N ARG A 327 -2.57 -0.67 -2.61
CA ARG A 327 -1.40 0.08 -3.07
C ARG A 327 -0.44 0.48 -1.96
N LEU A 328 0.74 0.95 -2.38
CA LEU A 328 1.78 1.41 -1.47
C LEU A 328 1.93 2.92 -1.64
N GLY A 329 2.41 3.60 -0.61
CA GLY A 329 2.57 5.03 -0.72
C GLY A 329 3.39 5.64 0.38
N LEU A 330 3.52 6.96 0.34
CA LEU A 330 4.28 7.72 1.32
C LEU A 330 3.33 8.53 2.19
N PHE A 331 3.70 8.74 3.44
CA PHE A 331 2.87 9.48 4.38
C PHE A 331 3.63 10.65 4.99
N VAL A 332 2.92 11.74 5.18
CA VAL A 332 3.50 12.94 5.74
C VAL A 332 2.46 13.67 6.60
N PHE A 333 2.89 14.20 7.74
CA PHE A 333 1.97 14.93 8.61
C PHE A 333 2.68 15.99 9.47
N SER A 334 2.53 17.24 9.07
CA SER A 334 3.10 18.40 9.77
C SER A 334 4.61 18.40 9.89
N GLN A 335 5.30 17.87 8.89
CA GLN A 335 6.77 17.87 8.91
C GLN A 335 7.30 18.33 7.55
N GLU A 336 8.07 19.42 7.59
CA GLU A 336 8.63 19.98 6.37
C GLU A 336 9.95 19.32 5.99
N MET A 337 10.33 19.47 4.73
CA MET A 337 11.57 18.93 4.20
C MET A 337 11.79 17.43 4.41
N VAL A 338 10.79 16.63 4.06
CA VAL A 338 10.89 15.18 4.17
C VAL A 338 11.34 14.68 2.80
N PHE A 339 12.52 14.06 2.74
CA PHE A 339 13.04 13.53 1.48
C PHE A 339 12.87 12.02 1.40
N PHE A 340 12.10 11.55 0.43
CA PHE A 340 11.92 10.10 0.25
C PHE A 340 12.75 9.67 -0.94
N SER A 341 13.30 8.47 -0.88
CA SER A 341 14.11 7.99 -2.00
C SER A 341 14.36 6.49 -1.95
N ASP A 342 14.88 5.96 -3.05
CA ASP A 342 15.22 4.55 -3.15
C ASP A 342 14.09 3.62 -2.74
N LEU A 343 12.92 3.79 -3.34
CA LEU A 343 11.77 2.95 -3.00
C LEU A 343 11.83 1.63 -3.76
N LYS A 344 11.52 0.54 -3.06
CA LYS A 344 11.55 -0.78 -3.69
C LYS A 344 10.42 -1.67 -3.18
N TYR A 345 9.96 -2.57 -4.04
CA TYR A 345 8.92 -3.51 -3.63
C TYR A 345 8.97 -4.80 -4.43
N GLU A 346 8.55 -5.87 -3.79
CA GLU A 346 8.52 -7.19 -4.43
C GLU A 346 7.31 -7.95 -3.96
N CYS A 347 6.65 -8.64 -4.88
CA CYS A 347 5.49 -9.44 -4.54
C CYS A 347 5.98 -10.68 -3.79
N ARG A 348 5.15 -11.20 -2.89
CA ARG A 348 5.51 -12.38 -2.12
C ARG A 348 4.42 -13.45 -2.21
N ASP A 349 3.78 -13.51 -3.37
CA ASP A 349 2.72 -14.49 -3.62
C ASP A 349 3.32 -15.79 -4.16
N PRO A 350 2.70 -16.95 -3.84
CA PRO A 350 1.51 -17.13 -3.03
C PRO A 350 1.74 -16.82 -1.55
CA CA B . 6.05 -10.17 -13.42
CA CA C . 8.38 -12.57 -15.69
CA CA D . 11.95 -28.13 -16.42
CA CA E . -3.63 -24.66 -16.78
CA CA F . 0.06 -24.20 -18.39
CA CA G . -9.41 -19.96 -16.63
CA CA H . -8.83 -16.18 -15.32
CA CA I . -6.13 -20.28 -9.88
CA CA J . -11.88 -10.33 -4.62
CA CA K . -13.79 -7.03 -3.34
CA CA L . -15.19 3.54 -3.24
CA CA M . -14.03 6.48 -6.10
CA CA N . 4.54 20.60 12.38
CA CA O . 13.71 18.37 14.66
CA CA P . 5.59 19.68 15.99
CA CA Q . -6.18 21.45 4.70
#